data_3VDF
#
_entry.id   3VDF
#
_cell.length_a   62.212
_cell.length_b   50.023
_cell.length_c   65.206
_cell.angle_alpha   90.00
_cell.angle_beta   107.00
_cell.angle_gamma   90.00
#
_symmetry.space_group_name_H-M   'P 1 21 1'
#
loop_
_entity.id
_entity.type
_entity.pdbx_description
1 polymer Lactotransferrin
2 polymer 'C-TERMINAL PEPTIDE OF LACTOTRANSFERRIN'
3 branched 2-acetamido-2-deoxy-beta-D-glucopyranose-(1-4)-2-acetamido-2-deoxy-beta-D-glucopyranose
4 non-polymer 2-acetamido-2-deoxy-beta-D-glucopyranose
5 non-polymer 'FE (III) ION'
6 non-polymer 'ZINC ION'
7 non-polymer 'CARBONATE ION'
8 non-polymer 'SULFATE ION'
9 non-polymer '2,6-DIAMINOPIMELIC ACID'
10 water water
#
loop_
_entity_poly.entity_id
_entity_poly.type
_entity_poly.pdbx_seq_one_letter_code
_entity_poly.pdbx_strand_id
1 'polypeptide(L)'
;YTRVVWCAVGPEEQKKCQQWSQQSGQNVTCATASTTDDCIVLVLKGEADALNLDGGYIYTAGKCGLVPVLAENRKSSKHS
SLDCVLRPTEGYLAVAVVKKANEGLTWNSLKDKKSCHTAVDRTAGWNIPMGLIVNQTGSCAFDEFFSQSCAPGADPKSRL
CALCAGDDQGLDKCVPNSKEKYYGYTGAFRCLAEDVGDVAFVKNDTVWENTNGESTADWAKNLKREDFRLLCLDGTRKPV
TEAQSCHLAVAPNHAVVSRSDRAAHVEQVLLHQQALFGKNGKNCPDKFCLFKSETKNLLFNDNTECLAKLGGRPTYEEYL
GTEYVTAIANLKKCS
;
A
2 'polypeptide(L)' LEACAF B
#
loop_
_chem_comp.id
_chem_comp.type
_chem_comp.name
_chem_comp.formula
CO3 non-polymer 'CARBONATE ION' 'C O3 -2'
FE non-polymer 'FE (III) ION' 'Fe 3'
NAG D-saccharide, beta linking 2-acetamido-2-deoxy-beta-D-glucopyranose 'C8 H15 N O6'
SO4 non-polymer 'SULFATE ION' 'O4 S -2'
ZN non-polymer 'ZINC ION' 'Zn 2'
#
# COMPACT_ATOMS: atom_id res chain seq x y z
N TYR A 1 -24.35 -18.55 -10.99
CA TYR A 1 -23.39 -17.68 -10.22
C TYR A 1 -23.47 -16.23 -10.74
N THR A 2 -22.87 -15.33 -9.96
CA THR A 2 -22.83 -13.96 -10.38
C THR A 2 -21.35 -13.61 -10.74
N ARG A 3 -21.29 -12.62 -11.60
CA ARG A 3 -20.03 -11.95 -11.85
C ARG A 3 -19.55 -11.20 -10.59
N VAL A 4 -18.20 -11.04 -10.44
CA VAL A 4 -17.64 -10.14 -9.38
C VAL A 4 -17.17 -8.85 -10.03
N VAL A 5 -17.64 -7.73 -9.48
CA VAL A 5 -17.29 -6.40 -10.02
C VAL A 5 -16.14 -5.87 -9.13
N TRP A 6 -14.96 -5.82 -9.72
CA TRP A 6 -13.80 -5.27 -9.01
C TRP A 6 -13.76 -3.77 -9.11
N CYS A 7 -13.15 -3.06 -8.14
CA CYS A 7 -13.01 -1.64 -8.27
C CYS A 7 -11.55 -1.21 -8.41
N ALA A 8 -11.30 -0.61 -9.57
CA ALA A 8 -9.93 -0.15 -9.93
C ALA A 8 -9.80 1.29 -9.57
N VAL A 9 -8.67 1.65 -9.03
CA VAL A 9 -8.37 3.05 -8.60
C VAL A 9 -7.48 3.70 -9.64
N GLY A 10 -8.08 4.58 -10.43
CA GLY A 10 -7.32 5.31 -11.51
C GLY A 10 -7.22 4.52 -12.78
N PRO A 11 -6.76 5.18 -13.86
CA PRO A 11 -6.88 4.58 -15.18
C PRO A 11 -5.89 3.49 -15.51
N GLU A 12 -4.77 3.41 -14.81
CA GLU A 12 -3.85 2.30 -15.04
C GLU A 12 -4.41 0.99 -14.45
N GLU A 13 -4.95 1.09 -13.26
CA GLU A 13 -5.63 -0.02 -12.66
C GLU A 13 -6.83 -0.42 -13.51
N GLN A 14 -7.55 0.55 -14.04
CA GLN A 14 -8.71 0.20 -14.85
C GLN A 14 -8.25 -0.59 -16.09
N LYS A 15 -7.16 -0.15 -16.73
CA LYS A 15 -6.68 -0.93 -17.91
C LYS A 15 -6.32 -2.36 -17.57
N LYS A 16 -5.66 -2.53 -16.39
CA LYS A 16 -5.32 -3.91 -15.96
C LYS A 16 -6.57 -4.72 -15.65
N CYS A 17 -7.53 -4.06 -15.00
CA CYS A 17 -8.74 -4.78 -14.69
C CYS A 17 -9.44 -5.22 -15.97
N GLN A 18 -9.48 -4.32 -16.96
CA GLN A 18 -10.15 -4.65 -18.21
C GLN A 18 -9.47 -5.87 -18.86
N GLN A 19 -8.15 -5.97 -18.78
CA GLN A 19 -7.48 -7.18 -19.30
C GLN A 19 -7.88 -8.42 -18.50
N TRP A 20 -7.89 -8.31 -17.16
CA TRP A 20 -8.33 -9.41 -16.37
C TRP A 20 -9.76 -9.81 -16.74
N SER A 21 -10.66 -8.84 -16.86
CA SER A 21 -12.08 -9.15 -17.16
C SER A 21 -12.17 -9.94 -18.51
N GLN A 22 -11.47 -9.47 -19.55
CA GLN A 22 -11.44 -10.14 -20.86
C GLN A 22 -10.94 -11.57 -20.66
N GLN A 23 -9.84 -11.75 -19.91
CA GLN A 23 -9.29 -13.11 -19.70
C GLN A 23 -10.20 -14.04 -18.94
N SER A 24 -10.94 -13.47 -17.98
CA SER A 24 -11.78 -14.21 -17.07
C SER A 24 -13.17 -14.62 -17.72
N GLY A 25 -13.38 -14.19 -18.99
CA GLY A 25 -14.64 -14.43 -19.73
C GLY A 25 -15.76 -13.69 -19.02
N GLN A 26 -15.40 -12.52 -18.50
CA GLN A 26 -16.34 -11.68 -17.64
C GLN A 26 -16.81 -12.29 -16.37
N ASN A 27 -16.14 -13.25 -15.81
CA ASN A 27 -16.39 -13.69 -14.46
C ASN A 27 -16.05 -12.54 -13.51
N VAL A 28 -15.06 -11.73 -13.94
CA VAL A 28 -14.76 -10.48 -13.23
C VAL A 28 -15.01 -9.34 -14.22
N THR A 29 -15.67 -8.29 -13.73
CA THR A 29 -15.85 -7.06 -14.47
C THR A 29 -15.38 -5.86 -13.62
N CYS A 30 -15.40 -4.68 -14.19
CA CYS A 30 -14.60 -3.54 -13.58
C CYS A 30 -15.44 -2.29 -13.40
N ALA A 31 -15.40 -1.74 -12.24
CA ALA A 31 -15.83 -0.39 -12.00
C ALA A 31 -14.55 0.41 -11.70
N THR A 32 -14.54 1.70 -11.95
CA THR A 32 -13.33 2.45 -11.64
C THR A 32 -13.67 3.74 -10.98
N ALA A 33 -12.83 4.18 -10.06
CA ALA A 33 -13.04 5.47 -9.38
C ALA A 33 -11.63 6.18 -9.30
N SER A 34 -11.63 7.45 -8.85
CA SER A 34 -10.34 8.18 -8.90
C SER A 34 -9.52 7.92 -7.67
N THR A 35 -10.09 7.48 -6.56
CA THR A 35 -9.36 7.30 -5.34
C THR A 35 -9.87 6.05 -4.67
N THR A 36 -9.06 5.56 -3.71
CA THR A 36 -9.47 4.35 -2.96
C THR A 36 -10.73 4.62 -2.14
N ASP A 37 -10.87 5.79 -1.54
CA ASP A 37 -12.06 6.07 -0.79
C ASP A 37 -13.29 6.05 -1.68
N ASP A 38 -13.15 6.57 -2.87
CA ASP A 38 -14.27 6.51 -3.78
C ASP A 38 -14.64 5.08 -4.19
N CYS A 39 -13.66 4.22 -4.39
CA CYS A 39 -13.93 2.78 -4.61
C CYS A 39 -14.65 2.17 -3.38
N ILE A 40 -14.23 2.51 -2.17
CA ILE A 40 -14.92 2.02 -0.96
C ILE A 40 -16.39 2.46 -1.02
N VAL A 41 -16.69 3.67 -1.47
CA VAL A 41 -18.10 4.17 -1.52
C VAL A 41 -18.80 3.38 -2.57
N LEU A 42 -18.22 3.04 -3.76
CA LEU A 42 -18.88 2.22 -4.77
C LEU A 42 -19.26 0.89 -4.18
N VAL A 43 -18.33 0.34 -3.40
CA VAL A 43 -18.64 -1.02 -2.84
C VAL A 43 -19.77 -0.88 -1.76
N LEU A 44 -19.77 0.17 -0.92
CA LEU A 44 -20.86 0.43 0.06
C LEU A 44 -22.11 0.61 -0.67
N LYS A 45 -22.19 1.19 -1.84
CA LYS A 45 -23.45 1.35 -2.57
C LYS A 45 -23.86 0.12 -3.27
N GLY A 46 -23.04 -0.89 -3.37
CA GLY A 46 -23.32 -2.10 -4.14
C GLY A 46 -23.07 -2.02 -5.63
N GLU A 47 -22.30 -0.96 -6.00
CA GLU A 47 -22.00 -0.73 -7.44
C GLU A 47 -20.64 -1.32 -7.82
N ALA A 48 -19.90 -1.84 -6.85
CA ALA A 48 -18.77 -2.72 -7.04
C ALA A 48 -18.83 -3.71 -5.89
N ASP A 49 -18.13 -4.82 -6.14
CA ASP A 49 -18.05 -5.87 -5.09
C ASP A 49 -16.84 -5.84 -4.15
N ALA A 50 -15.66 -5.48 -4.67
CA ALA A 50 -14.46 -5.72 -3.85
C ALA A 50 -13.27 -4.96 -4.46
N LEU A 51 -12.27 -4.79 -3.58
CA LEU A 51 -10.94 -4.35 -4.05
C LEU A 51 -9.96 -4.77 -2.97
N ASN A 52 -8.67 -4.74 -3.33
CA ASN A 52 -7.67 -5.06 -2.38
C ASN A 52 -7.12 -3.78 -1.77
N LEU A 53 -6.92 -3.75 -0.47
CA LEU A 53 -6.67 -2.52 0.26
C LEU A 53 -5.47 -2.60 1.19
N ASP A 54 -4.66 -1.53 1.29
CA ASP A 54 -3.76 -1.30 2.41
C ASP A 54 -4.55 -1.29 3.75
N GLY A 55 -3.94 -1.63 4.86
CA GLY A 55 -4.62 -1.67 6.15
C GLY A 55 -5.23 -0.39 6.64
N GLY A 56 -4.65 0.74 6.29
CA GLY A 56 -5.25 2.01 6.64
C GLY A 56 -6.58 2.20 5.93
N TYR A 57 -6.64 1.73 4.69
CA TYR A 57 -7.90 1.79 3.96
C TYR A 57 -8.81 0.76 4.51
N ILE A 58 -8.28 -0.43 4.94
CA ILE A 58 -9.20 -1.48 5.55
C ILE A 58 -9.86 -0.85 6.77
N TYR A 59 -9.18 0.00 7.50
CA TYR A 59 -9.83 0.64 8.63
C TYR A 59 -11.05 1.50 8.22
N THR A 60 -10.88 2.33 7.21
CA THR A 60 -11.92 3.15 6.69
C THR A 60 -13.05 2.26 6.22
N ALA A 61 -12.71 1.21 5.46
CA ALA A 61 -13.76 0.39 4.90
C ALA A 61 -14.45 -0.35 6.02
N GLY A 62 -13.71 -0.79 7.04
CA GLY A 62 -14.27 -1.63 8.14
C GLY A 62 -15.17 -0.82 9.04
N LYS A 63 -14.87 0.43 9.22
CA LYS A 63 -15.80 1.28 10.01
C LYS A 63 -17.12 1.45 9.28
N CYS A 64 -17.13 1.18 7.98
CA CYS A 64 -18.34 1.35 7.19
C CYS A 64 -19.02 0.02 6.92
N GLY A 65 -18.52 -1.05 7.50
CA GLY A 65 -19.14 -2.36 7.43
C GLY A 65 -18.55 -3.34 6.47
N LEU A 66 -17.49 -2.96 5.73
CA LEU A 66 -16.93 -3.97 4.82
C LEU A 66 -15.95 -4.89 5.60
N VAL A 67 -15.83 -6.09 5.08
CA VAL A 67 -15.13 -7.15 5.82
C VAL A 67 -13.92 -7.67 5.01
N PRO A 68 -12.91 -8.17 5.72
CA PRO A 68 -11.77 -8.79 4.98
C PRO A 68 -12.15 -10.13 4.46
N VAL A 69 -11.65 -10.45 3.27
CA VAL A 69 -12.04 -11.68 2.55
C VAL A 69 -10.84 -12.59 2.36
N LEU A 70 -9.70 -12.10 1.80
CA LEU A 70 -8.46 -12.86 1.56
C LEU A 70 -7.38 -11.89 1.69
N ALA A 71 -6.20 -12.35 2.07
CA ALA A 71 -5.07 -11.40 2.27
C ALA A 71 -3.94 -11.65 1.28
N GLU A 72 -3.17 -10.64 0.90
CA GLU A 72 -1.96 -10.92 0.15
C GLU A 72 -0.96 -11.74 0.98
N ASN A 73 -0.34 -12.72 0.34
CA ASN A 73 0.73 -13.48 0.96
C ASN A 73 1.92 -13.37 0.03
N ARG A 74 3.02 -12.85 0.52
CA ARG A 74 4.23 -12.81 -0.29
C ARG A 74 5.09 -14.04 0.05
N LYS A 75 6.13 -14.26 -0.71
CA LYS A 75 7.06 -15.37 -0.40
C LYS A 75 7.48 -15.32 1.09
N SER A 76 7.44 -16.46 1.79
CA SER A 76 7.74 -16.46 3.25
C SER A 76 9.24 -16.48 3.42
N SER A 77 9.73 -15.87 4.50
CA SER A 77 11.18 -15.85 4.76
C SER A 77 11.68 -17.27 5.21
N LYS A 78 10.77 -18.08 5.76
CA LYS A 78 11.04 -19.45 6.23
C LYS A 78 10.40 -20.46 5.28
N HIS A 79 10.99 -21.65 5.17
CA HIS A 79 10.36 -22.75 4.40
C HIS A 79 9.06 -23.16 5.08
N SER A 80 8.06 -23.43 4.26
CA SER A 80 6.80 -23.93 4.75
C SER A 80 6.34 -25.07 3.80
N SER A 81 5.89 -26.16 4.41
CA SER A 81 5.20 -27.23 3.67
C SER A 81 3.75 -26.86 3.20
N LEU A 82 3.16 -25.83 3.81
CA LEU A 82 1.77 -25.38 3.53
C LEU A 82 1.61 -24.74 2.13
N ASP A 83 0.47 -25.02 1.48
CA ASP A 83 0.17 -24.30 0.25
C ASP A 83 0.05 -22.77 0.60
N CYS A 84 0.56 -21.94 -0.32
CA CYS A 84 0.37 -20.47 -0.15
C CYS A 84 -1.02 -20.05 0.40
N VAL A 85 -2.09 -20.66 -0.12
CA VAL A 85 -3.41 -20.19 0.28
C VAL A 85 -3.67 -20.46 1.74
N LEU A 86 -2.97 -21.48 2.37
CA LEU A 86 -3.20 -21.81 3.79
C LEU A 86 -2.07 -21.38 4.69
N ARG A 87 -1.08 -20.70 4.13
CA ARG A 87 0.05 -20.28 4.89
C ARG A 87 -0.40 -19.00 5.68
N PRO A 88 -0.03 -18.94 6.98
CA PRO A 88 -0.41 -17.72 7.74
C PRO A 88 0.41 -16.50 7.16
N THR A 89 -0.24 -15.31 7.12
CA THR A 89 0.46 -14.12 6.52
C THR A 89 1.44 -13.61 7.56
N GLU A 90 2.52 -12.97 7.15
CA GLU A 90 3.53 -12.48 8.06
C GLU A 90 3.63 -10.95 8.32
N GLY A 91 2.96 -10.17 7.59
CA GLY A 91 3.01 -8.74 7.86
C GLY A 91 4.28 -8.18 7.30
N TYR A 92 4.24 -6.96 6.85
CA TYR A 92 5.39 -6.34 6.23
C TYR A 92 5.99 -5.27 7.13
N LEU A 93 7.23 -4.90 6.87
CA LEU A 93 7.96 -4.00 7.79
C LEU A 93 7.84 -2.54 7.28
N ALA A 94 7.20 -1.67 8.03
CA ALA A 94 7.20 -0.28 7.67
C ALA A 94 8.54 0.34 8.03
N VAL A 95 9.15 1.08 7.10
CA VAL A 95 10.48 1.64 7.40
C VAL A 95 10.52 3.08 6.97
N ALA A 96 11.51 3.81 7.47
CA ALA A 96 11.84 5.18 7.02
C ALA A 96 13.17 5.07 6.30
N VAL A 97 13.29 5.49 5.06
CA VAL A 97 14.48 5.31 4.23
C VAL A 97 14.98 6.68 3.80
N VAL A 98 16.31 6.78 3.87
CA VAL A 98 17.00 8.02 3.47
C VAL A 98 18.18 7.64 2.60
N LYS A 99 18.84 8.68 2.05
CA LYS A 99 20.13 8.35 1.31
C LYS A 99 21.30 8.34 2.33
N LYS A 100 22.17 7.35 2.06
CA LYS A 100 23.45 7.25 2.86
C LYS A 100 24.25 8.56 2.76
N ALA A 101 24.22 9.17 1.58
CA ALA A 101 24.94 10.48 1.38
C ALA A 101 24.37 11.59 2.25
N ASN A 102 23.11 11.52 2.75
CA ASN A 102 22.55 12.55 3.50
C ASN A 102 22.91 12.26 4.95
N GLU A 103 24.16 12.55 5.27
CA GLU A 103 24.74 11.99 6.48
C GLU A 103 24.24 12.46 7.76
N GLY A 104 23.80 13.65 7.88
CA GLY A 104 23.30 13.98 9.25
C GLY A 104 21.93 13.47 9.77
N LEU A 105 21.17 12.90 8.84
CA LEU A 105 19.73 12.75 9.09
C LEU A 105 19.45 11.46 9.88
N THR A 106 18.73 11.60 10.96
CA THR A 106 18.26 10.47 11.71
C THR A 106 16.78 10.72 12.00
N TRP A 107 16.14 9.73 12.66
CA TRP A 107 14.74 9.90 13.10
C TRP A 107 14.54 11.16 13.89
N ASN A 108 15.57 11.50 14.72
CA ASN A 108 15.50 12.66 15.61
C ASN A 108 15.82 13.95 14.98
N SER A 109 16.14 13.97 13.71
CA SER A 109 16.27 15.25 13.00
C SER A 109 15.40 15.43 11.77
N LEU A 110 14.31 14.70 11.81
CA LEU A 110 13.32 14.80 10.68
C LEU A 110 12.57 16.07 10.57
N LYS A 111 12.46 16.81 11.66
CA LYS A 111 11.70 18.04 11.62
C LYS A 111 12.26 19.02 10.58
N ASP A 112 11.34 19.62 9.82
CA ASP A 112 11.71 20.56 8.73
C ASP A 112 12.42 19.95 7.54
N LYS A 113 12.47 18.61 7.44
CA LYS A 113 12.98 18.02 6.21
C LYS A 113 11.82 17.74 5.20
N LYS A 114 12.22 17.19 4.07
CA LYS A 114 11.25 16.96 2.93
C LYS A 114 10.92 15.44 2.98
N SER A 115 9.59 15.15 2.92
CA SER A 115 9.19 13.72 3.05
C SER A 115 8.40 13.25 1.87
N CYS A 116 8.44 11.94 1.72
CA CYS A 116 7.79 11.23 0.61
C CYS A 116 6.91 10.16 1.25
N HIS A 117 5.60 10.18 1.07
CA HIS A 117 4.64 9.24 1.65
C HIS A 117 3.89 8.51 0.58
N THR A 118 3.52 7.26 0.83
CA THR A 118 2.73 6.54 -0.16
C THR A 118 1.40 7.20 -0.48
N ALA A 119 0.67 7.57 0.58
CA ALA A 119 -0.57 8.39 0.44
C ALA A 119 -1.04 8.66 1.85
N VAL A 120 -1.77 9.72 2.04
CA VAL A 120 -2.49 9.86 3.32
C VAL A 120 -3.32 8.63 3.55
N ASP A 121 -3.42 8.27 4.84
CA ASP A 121 -4.26 7.18 5.33
C ASP A 121 -3.68 5.79 5.13
N ARG A 122 -2.55 5.63 4.46
CA ARG A 122 -1.99 4.28 4.28
C ARG A 122 -1.05 3.95 5.43
N THR A 123 -0.87 2.65 5.68
CA THR A 123 -0.10 2.19 6.89
C THR A 123 1.37 2.67 6.98
N ALA A 124 2.23 2.17 6.11
CA ALA A 124 3.64 2.56 6.20
C ALA A 124 3.84 3.98 5.77
N GLY A 125 3.01 4.43 4.82
CA GLY A 125 3.28 5.81 4.29
C GLY A 125 2.77 6.90 5.19
N TRP A 126 1.89 6.60 6.12
CA TRP A 126 1.22 7.66 6.82
C TRP A 126 0.84 7.33 8.28
N ASN A 127 0.02 6.29 8.49
CA ASN A 127 -0.53 6.11 9.84
C ASN A 127 0.60 5.81 10.84
N ILE A 128 1.52 4.94 10.44
CA ILE A 128 2.63 4.58 11.39
C ILE A 128 3.60 5.79 11.57
N PRO A 129 4.13 6.43 10.52
CA PRO A 129 5.09 7.50 10.82
C PRO A 129 4.40 8.70 11.41
N MET A 130 3.25 9.09 10.87
CA MET A 130 2.66 10.31 11.44
C MET A 130 2.07 10.03 12.84
N GLY A 131 1.62 8.84 13.09
CA GLY A 131 1.18 8.48 14.45
C GLY A 131 2.32 8.61 15.42
N LEU A 132 3.48 8.09 15.08
CA LEU A 132 4.69 8.18 15.94
C LEU A 132 5.08 9.62 16.09
N ILE A 133 5.11 10.39 15.00
CA ILE A 133 5.50 11.81 15.13
C ILE A 133 4.55 12.62 15.98
N VAL A 134 3.24 12.52 15.76
CA VAL A 134 2.25 13.27 16.66
C VAL A 134 2.53 12.87 18.10
N ASN A 135 2.74 11.59 18.38
CA ASN A 135 2.91 11.20 19.80
C ASN A 135 4.19 11.75 20.32
N GLN A 136 5.28 11.65 19.58
CA GLN A 136 6.61 12.15 20.11
C GLN A 136 6.69 13.66 20.21
N THR A 137 6.03 14.37 19.34
CA THR A 137 6.06 15.83 19.37
C THR A 137 4.93 16.34 20.36
N GLY A 138 3.98 15.51 20.73
CA GLY A 138 2.78 15.98 21.48
C GLY A 138 2.01 17.07 20.75
N SER A 139 1.96 17.01 19.44
CA SER A 139 1.23 17.95 18.65
C SER A 139 0.51 17.29 17.49
N CYS A 140 -0.73 17.72 17.30
CA CYS A 140 -1.51 17.28 16.12
C CYS A 140 -1.15 18.00 14.83
N ALA A 141 -0.25 19.01 14.89
CA ALA A 141 0.00 19.83 13.70
C ALA A 141 1.00 19.05 12.82
N PHE A 142 0.69 17.79 12.51
CA PHE A 142 1.61 16.98 11.63
C PHE A 142 1.75 17.56 10.21
N ASP A 143 0.88 18.49 9.84
CA ASP A 143 0.93 19.15 8.56
C ASP A 143 1.91 20.24 8.42
N GLU A 144 2.58 20.49 9.54
CA GLU A 144 3.66 21.45 9.69
C GLU A 144 4.96 20.88 10.22
N PHE A 145 5.08 19.58 10.32
CA PHE A 145 6.30 19.01 10.74
C PHE A 145 7.39 18.99 9.68
N PHE A 146 7.07 18.46 8.51
CA PHE A 146 8.04 18.44 7.38
C PHE A 146 7.93 19.78 6.65
N SER A 147 9.03 20.26 6.11
CA SER A 147 8.93 21.54 5.39
C SER A 147 8.09 21.44 4.14
N GLN A 148 8.20 20.33 3.42
CA GLN A 148 7.40 20.10 2.24
C GLN A 148 7.29 18.55 2.13
N SER A 149 6.20 18.07 1.54
CA SER A 149 6.08 16.62 1.38
C SER A 149 5.42 16.27 0.02
N CYS A 150 5.44 15.01 -0.35
CA CYS A 150 4.42 14.49 -1.24
C CYS A 150 3.63 13.50 -0.48
N ALA A 151 2.37 13.81 -0.18
CA ALA A 151 1.53 12.90 0.63
C ALA A 151 0.21 12.89 -0.19
N PRO A 152 0.12 12.03 -1.18
CA PRO A 152 -1.08 11.98 -2.07
C PRO A 152 -2.35 11.87 -1.29
N GLY A 153 -3.32 12.72 -1.64
CA GLY A 153 -4.58 12.75 -0.93
C GLY A 153 -4.73 13.97 -0.05
N ALA A 154 -3.62 14.65 0.21
CA ALA A 154 -3.70 15.87 1.01
C ALA A 154 -4.13 17.07 0.14
N ASP A 155 -4.27 18.22 0.76
CA ASP A 155 -4.75 19.42 -0.06
C ASP A 155 -3.65 19.74 -1.07
N PRO A 156 -4.00 19.79 -2.39
CA PRO A 156 -2.91 20.03 -3.35
C PRO A 156 -2.21 21.38 -3.23
N LYS A 157 -2.81 22.36 -2.58
CA LYS A 157 -2.10 23.65 -2.46
C LYS A 157 -1.21 23.68 -1.27
N SER A 158 -1.25 22.66 -0.42
CA SER A 158 -0.57 22.67 0.93
C SER A 158 0.84 22.10 0.80
N ARG A 159 1.60 22.34 1.88
CA ARG A 159 2.97 21.88 1.92
C ARG A 159 3.03 20.33 1.82
N LEU A 160 1.95 19.66 2.28
CA LEU A 160 1.94 18.17 2.19
C LEU A 160 1.89 17.68 0.80
N CYS A 161 1.52 18.51 -0.17
CA CYS A 161 1.57 18.16 -1.63
C CYS A 161 2.59 18.84 -2.46
N ALA A 162 3.43 19.64 -1.76
CA ALA A 162 4.29 20.50 -2.63
C ALA A 162 5.32 19.77 -3.44
N LEU A 163 5.74 18.54 -2.99
CA LEU A 163 6.70 17.78 -3.78
C LEU A 163 6.08 16.86 -4.77
N CYS A 164 4.72 16.71 -4.75
CA CYS A 164 4.10 15.79 -5.72
C CYS A 164 4.17 16.37 -7.13
N ALA A 165 4.22 15.49 -8.11
CA ALA A 165 4.52 15.93 -9.50
C ALA A 165 3.43 15.65 -10.45
N GLY A 166 2.33 15.02 -10.06
CA GLY A 166 1.30 14.74 -11.03
C GLY A 166 1.74 13.77 -12.13
N ASP A 167 0.97 13.81 -13.26
CA ASP A 167 1.19 12.88 -14.39
C ASP A 167 2.13 13.47 -15.45
N ASP A 168 2.21 12.88 -16.62
CA ASP A 168 3.23 13.40 -17.60
C ASP A 168 2.99 14.82 -17.91
N GLN A 169 1.72 15.24 -17.88
CA GLN A 169 1.42 16.64 -18.18
C GLN A 169 1.45 17.54 -17.00
N GLY A 170 1.75 17.02 -15.80
CA GLY A 170 1.65 17.78 -14.61
C GLY A 170 0.23 18.01 -14.14
N LEU A 171 -0.77 17.27 -14.66
CA LEU A 171 -2.13 17.29 -14.15
C LEU A 171 -2.26 16.36 -12.96
N ASP A 172 -3.30 16.42 -12.13
CA ASP A 172 -3.57 15.46 -11.10
C ASP A 172 -2.42 15.50 -10.08
N LYS A 173 -1.75 16.62 -9.86
CA LYS A 173 -0.73 16.66 -8.78
C LYS A 173 -1.39 16.23 -7.51
N CYS A 174 -0.75 15.30 -6.80
CA CYS A 174 -1.19 14.84 -5.48
C CYS A 174 -2.44 13.93 -5.42
N VAL A 175 -2.96 13.49 -6.53
CA VAL A 175 -4.10 12.63 -6.48
C VAL A 175 -3.58 11.31 -5.93
N PRO A 176 -4.37 10.65 -5.12
CA PRO A 176 -3.95 9.36 -4.57
C PRO A 176 -4.29 8.16 -5.47
N ASN A 177 -3.67 8.23 -6.62
CA ASN A 177 -3.69 7.13 -7.52
C ASN A 177 -2.42 7.09 -8.38
N SER A 178 -2.25 6.03 -9.13
CA SER A 178 -0.93 5.75 -9.83
C SER A 178 -0.59 6.82 -10.90
N LYS A 179 -1.49 7.70 -11.24
CA LYS A 179 -1.16 8.78 -12.19
C LYS A 179 -0.23 9.78 -11.58
N GLU A 180 -0.29 9.89 -10.28
CA GLU A 180 0.68 10.78 -9.59
C GLU A 180 2.05 10.09 -9.55
N LYS A 181 3.10 10.76 -10.07
CA LYS A 181 4.46 10.13 -10.23
C LYS A 181 4.94 9.53 -8.89
N TYR A 182 4.66 10.24 -7.78
CA TYR A 182 5.20 9.82 -6.48
C TYR A 182 4.17 9.05 -5.64
N TYR A 183 3.10 8.51 -6.27
CA TYR A 183 2.17 7.68 -5.48
C TYR A 183 2.65 6.32 -5.08
N GLY A 184 2.21 5.90 -3.89
CA GLY A 184 2.35 4.47 -3.57
C GLY A 184 3.75 4.14 -3.09
N TYR A 185 3.95 2.84 -2.85
CA TYR A 185 5.31 2.44 -2.42
C TYR A 185 6.37 2.86 -3.42
N THR A 186 6.16 2.51 -4.71
CA THR A 186 7.21 2.78 -5.69
C THR A 186 7.34 4.26 -5.94
N GLY A 187 6.22 5.02 -5.94
CA GLY A 187 6.35 6.45 -6.17
C GLY A 187 7.04 7.19 -5.02
N ALA A 188 6.77 6.79 -3.76
CA ALA A 188 7.40 7.44 -2.65
C ALA A 188 8.90 7.05 -2.60
N PHE A 189 9.23 5.81 -2.96
CA PHE A 189 10.66 5.50 -3.01
C PHE A 189 11.33 6.25 -4.24
N ARG A 190 10.61 6.47 -5.33
CA ARG A 190 11.22 7.24 -6.43
C ARG A 190 11.37 8.67 -5.96
N CYS A 191 10.49 9.24 -5.16
CA CYS A 191 10.60 10.61 -4.62
C CYS A 191 11.89 10.71 -3.81
N LEU A 192 12.29 9.70 -3.02
CA LEU A 192 13.59 9.70 -2.35
C LEU A 192 14.68 9.43 -3.32
N ALA A 193 14.53 8.53 -4.26
CA ALA A 193 15.65 8.18 -5.17
C ALA A 193 16.08 9.41 -5.99
N GLU A 194 15.18 10.25 -6.39
CA GLU A 194 15.44 11.44 -7.17
C GLU A 194 15.82 12.63 -6.32
N ASP A 195 15.93 12.42 -5.03
CA ASP A 195 16.24 13.49 -4.08
C ASP A 195 15.24 14.62 -4.06
N VAL A 196 14.01 14.30 -4.39
CA VAL A 196 12.92 15.25 -4.18
C VAL A 196 12.63 15.34 -2.70
N GLY A 197 12.61 14.20 -2.02
CA GLY A 197 12.50 14.23 -0.57
C GLY A 197 13.80 13.79 0.08
N ASP A 198 13.89 14.06 1.40
CA ASP A 198 14.95 13.49 2.21
C ASP A 198 14.66 12.11 2.82
N VAL A 199 13.36 11.80 2.98
CA VAL A 199 12.99 10.56 3.63
C VAL A 199 11.78 10.00 2.90
N ALA A 200 11.73 8.66 2.77
CA ALA A 200 10.54 8.03 2.23
C ALA A 200 9.99 7.04 3.29
N PHE A 201 8.66 7.07 3.44
CA PHE A 201 7.92 6.14 4.34
C PHE A 201 7.36 5.08 3.50
N VAL A 202 7.98 3.92 3.40
CA VAL A 202 7.58 2.78 2.60
C VAL A 202 7.76 1.53 3.40
N LYS A 203 7.83 0.38 2.72
CA LYS A 203 8.09 -0.90 3.41
C LYS A 203 9.43 -1.45 2.98
N ASN A 204 9.93 -2.37 3.80
CA ASN A 204 11.25 -2.94 3.48
C ASN A 204 11.28 -3.46 2.08
N ASP A 205 10.23 -4.15 1.61
CA ASP A 205 10.34 -4.84 0.31
C ASP A 205 10.58 -3.86 -0.81
N THR A 206 9.98 -2.68 -0.71
CA THR A 206 10.12 -1.67 -1.78
C THR A 206 11.55 -1.37 -2.03
N VAL A 207 12.36 -1.25 -1.01
CA VAL A 207 13.74 -0.82 -1.26
C VAL A 207 14.44 -1.95 -2.06
N TRP A 208 14.27 -3.19 -1.66
CA TRP A 208 14.91 -4.32 -2.31
C TRP A 208 14.43 -4.51 -3.69
N GLU A 209 13.12 -4.30 -3.98
CA GLU A 209 12.54 -4.60 -5.26
C GLU A 209 12.89 -3.55 -6.32
N ASN A 210 13.43 -2.40 -5.90
CA ASN A 210 13.67 -1.32 -6.83
C ASN A 210 15.15 -0.88 -6.82
N THR A 211 15.98 -1.80 -6.41
CA THR A 211 17.46 -1.55 -6.41
C THR A 211 18.17 -2.75 -6.97
N ASN A 212 19.42 -2.50 -7.34
CA ASN A 212 20.39 -3.62 -7.69
C ASN A 212 19.88 -4.41 -8.88
N GLY A 213 19.22 -3.74 -9.81
CA GLY A 213 18.68 -4.38 -10.95
C GLY A 213 17.39 -5.12 -10.79
N GLU A 214 16.78 -5.07 -9.57
CA GLU A 214 15.50 -5.81 -9.43
C GLU A 214 14.39 -5.12 -10.17
N SER A 215 14.58 -3.84 -10.45
CA SER A 215 13.65 -3.16 -11.34
C SER A 215 14.48 -2.60 -12.52
N THR A 216 13.90 -2.73 -13.74
CA THR A 216 14.51 -2.27 -14.93
C THR A 216 13.91 -0.93 -15.31
N ALA A 217 12.90 -0.45 -14.54
CA ALA A 217 12.41 0.87 -14.82
C ALA A 217 13.48 1.98 -14.85
N ASP A 218 13.27 3.01 -15.71
CA ASP A 218 14.33 3.96 -15.91
C ASP A 218 14.87 4.67 -14.66
N TRP A 219 13.95 5.00 -13.74
CA TRP A 219 14.42 5.75 -12.57
C TRP A 219 15.09 4.85 -11.52
N ALA A 220 14.80 3.55 -11.68
CA ALA A 220 15.24 2.57 -10.65
C ALA A 220 16.50 1.74 -11.07
N LYS A 221 16.63 1.68 -12.40
CA LYS A 221 17.46 0.63 -13.03
C LYS A 221 18.87 0.71 -12.57
N ASN A 222 19.33 1.90 -12.20
CA ASN A 222 20.64 2.19 -11.72
C ASN A 222 20.82 2.45 -10.23
N LEU A 223 19.79 2.23 -9.40
CA LEU A 223 19.97 2.46 -8.01
C LEU A 223 20.63 1.31 -7.25
N LYS A 224 21.41 1.63 -6.25
CA LYS A 224 22.18 0.61 -5.54
C LYS A 224 21.71 0.66 -4.07
N ARG A 225 21.42 -0.51 -3.49
CA ARG A 225 20.96 -0.58 -2.15
C ARG A 225 21.89 0.08 -1.11
N GLU A 226 23.21 0.04 -1.39
CA GLU A 226 24.15 0.49 -0.44
C GLU A 226 24.10 2.05 -0.31
N ASP A 227 23.45 2.69 -1.24
CA ASP A 227 23.25 4.11 -1.26
C ASP A 227 22.07 4.55 -0.37
N PHE A 228 21.45 3.56 0.29
CA PHE A 228 20.30 3.88 1.20
C PHE A 228 20.50 3.42 2.59
N ARG A 229 19.87 4.07 3.54
CA ARG A 229 19.87 3.69 4.90
C ARG A 229 18.43 3.72 5.47
N LEU A 230 18.25 2.91 6.49
CA LEU A 230 17.06 2.95 7.29
C LEU A 230 17.24 3.78 8.53
N LEU A 231 16.20 4.49 8.91
CA LEU A 231 16.19 5.25 10.16
C LEU A 231 15.53 4.43 11.29
N CYS A 232 16.24 4.17 12.39
CA CYS A 232 15.70 3.36 13.43
C CYS A 232 15.14 4.30 14.50
N LEU A 233 14.16 3.84 15.25
CA LEU A 233 13.53 4.72 16.26
C LEU A 233 14.50 5.16 17.40
N ASP A 234 15.58 4.40 17.58
CA ASP A 234 16.51 4.84 18.62
C ASP A 234 17.51 5.81 18.09
N GLY A 235 17.28 6.39 16.92
CA GLY A 235 18.08 7.50 16.41
C GLY A 235 19.30 7.02 15.64
N THR A 236 19.53 5.71 15.46
CA THR A 236 20.61 5.14 14.65
C THR A 236 20.22 5.00 13.14
N ARG A 237 21.16 4.72 12.28
CA ARG A 237 20.95 4.50 10.88
C ARG A 237 21.55 3.12 10.57
N LYS A 238 20.84 2.27 9.83
CA LYS A 238 21.34 0.99 9.41
C LYS A 238 21.21 0.70 7.92
N PRO A 239 22.05 -0.17 7.38
CA PRO A 239 21.89 -0.67 6.05
C PRO A 239 20.53 -1.33 5.91
N VAL A 240 20.10 -1.35 4.69
CA VAL A 240 18.75 -1.86 4.44
C VAL A 240 18.60 -3.36 4.64
N THR A 241 19.70 -4.11 4.87
CA THR A 241 19.69 -5.52 5.27
C THR A 241 19.17 -5.65 6.70
N GLU A 242 19.07 -4.57 7.46
CA GLU A 242 18.79 -4.66 8.89
C GLU A 242 17.33 -4.28 9.22
N ALA A 243 16.43 -4.46 8.24
CA ALA A 243 15.08 -4.00 8.51
C ALA A 243 14.37 -4.66 9.78
N GLN A 244 14.68 -5.94 10.00
CA GLN A 244 14.09 -6.69 11.10
C GLN A 244 14.37 -5.98 12.41
N SER A 245 15.55 -5.36 12.50
CA SER A 245 15.90 -4.58 13.70
C SER A 245 15.92 -3.08 13.66
N CYS A 246 15.29 -2.55 12.57
CA CYS A 246 15.27 -1.08 12.31
C CYS A 246 14.00 -0.74 11.46
N HIS A 247 12.88 -1.02 12.05
CA HIS A 247 11.58 -0.65 11.39
C HIS A 247 10.76 0.14 12.34
N LEU A 248 9.73 0.79 11.77
CA LEU A 248 8.79 1.59 12.53
C LEU A 248 7.63 0.79 13.09
N ALA A 249 7.26 -0.27 12.40
CA ALA A 249 6.16 -1.18 12.83
C ALA A 249 6.07 -2.34 11.94
N VAL A 250 5.34 -3.39 12.34
CA VAL A 250 4.97 -4.44 11.39
C VAL A 250 3.50 -4.19 11.01
N ALA A 251 3.24 -4.12 9.71
CA ALA A 251 1.91 -3.75 9.14
C ALA A 251 1.20 -5.01 8.77
N PRO A 252 -0.16 -5.04 8.94
CA PRO A 252 -0.92 -6.15 8.42
C PRO A 252 -0.96 -6.14 6.89
N ASN A 253 -0.87 -7.26 6.24
CA ASN A 253 -0.80 -7.31 4.76
C ASN A 253 -2.02 -6.66 4.14
N HIS A 254 -1.85 -6.10 2.99
CA HIS A 254 -2.98 -5.66 2.18
C HIS A 254 -3.96 -6.81 2.00
N ALA A 255 -5.26 -6.51 1.93
CA ALA A 255 -6.22 -7.61 1.82
C ALA A 255 -7.45 -7.11 1.03
N VAL A 256 -8.19 -8.07 0.52
CA VAL A 256 -9.40 -7.82 -0.23
C VAL A 256 -10.56 -7.64 0.76
N VAL A 257 -11.35 -6.58 0.48
CA VAL A 257 -12.55 -6.38 1.27
C VAL A 257 -13.79 -6.36 0.38
N SER A 258 -14.92 -6.67 0.99
CA SER A 258 -16.21 -6.67 0.33
C SER A 258 -17.32 -6.44 1.34
N ARG A 259 -18.52 -6.21 0.83
CA ARG A 259 -19.65 -6.31 1.70
C ARG A 259 -19.75 -7.67 2.24
N SER A 260 -20.28 -7.72 3.44
CA SER A 260 -20.41 -8.97 4.07
C SER A 260 -21.26 -10.01 3.29
N ASP A 261 -22.32 -9.53 2.69
CA ASP A 261 -23.16 -10.39 1.91
C ASP A 261 -22.57 -10.89 0.60
N ARG A 262 -21.46 -10.31 0.14
CA ARG A 262 -20.83 -10.83 -1.04
C ARG A 262 -19.48 -11.48 -0.81
N ALA A 263 -19.09 -11.56 0.47
CA ALA A 263 -17.72 -12.10 0.81
C ALA A 263 -17.50 -13.51 0.38
N ALA A 264 -18.49 -14.41 0.60
CA ALA A 264 -18.29 -15.73 0.23
C ALA A 264 -18.12 -15.94 -1.28
N HIS A 265 -18.91 -15.21 -2.05
CA HIS A 265 -18.84 -15.34 -3.46
C HIS A 265 -17.54 -14.71 -4.01
N VAL A 266 -17.19 -13.54 -3.42
CA VAL A 266 -15.88 -12.91 -3.83
C VAL A 266 -14.76 -13.89 -3.56
N GLU A 267 -14.80 -14.53 -2.41
CA GLU A 267 -13.69 -15.40 -2.00
C GLU A 267 -13.61 -16.58 -3.03
N GLN A 268 -14.75 -17.21 -3.30
CA GLN A 268 -14.70 -18.37 -4.22
C GLN A 268 -14.19 -17.94 -5.60
N VAL A 269 -14.66 -16.80 -6.16
CA VAL A 269 -14.25 -16.39 -7.46
C VAL A 269 -12.75 -16.08 -7.43
N LEU A 270 -12.27 -15.35 -6.42
CA LEU A 270 -10.78 -15.04 -6.38
C LEU A 270 -9.92 -16.30 -6.29
N LEU A 271 -10.36 -17.32 -5.56
CA LEU A 271 -9.51 -18.52 -5.40
C LEU A 271 -9.43 -19.18 -6.75
N HIS A 272 -10.51 -19.16 -7.53
CA HIS A 272 -10.44 -19.70 -8.89
C HIS A 272 -9.66 -18.83 -9.83
N GLN A 273 -9.85 -17.49 -9.68
CA GLN A 273 -9.09 -16.62 -10.60
C GLN A 273 -7.56 -16.69 -10.39
N GLN A 274 -7.12 -16.86 -9.17
CA GLN A 274 -5.65 -16.99 -8.97
C GLN A 274 -5.15 -18.34 -9.44
N ALA A 275 -6.02 -19.34 -9.33
CA ALA A 275 -5.58 -20.65 -9.93
C ALA A 275 -5.29 -20.52 -11.41
N LEU A 276 -5.99 -19.65 -12.12
CA LEU A 276 -5.75 -19.34 -13.50
C LEU A 276 -4.62 -18.36 -13.72
N PHE A 277 -4.62 -17.23 -12.97
CA PHE A 277 -3.78 -16.11 -13.34
C PHE A 277 -2.74 -15.72 -12.29
N GLY A 278 -2.69 -16.45 -11.20
CA GLY A 278 -1.80 -16.16 -10.08
C GLY A 278 -0.38 -16.61 -10.38
N LYS A 279 0.45 -16.61 -9.35
CA LYS A 279 1.90 -16.96 -9.59
C LYS A 279 1.88 -18.46 -9.88
N ASN A 280 2.59 -18.83 -10.93
CA ASN A 280 2.46 -20.20 -11.49
C ASN A 280 1.01 -20.64 -11.86
N GLY A 281 0.07 -19.70 -11.98
CA GLY A 281 -1.25 -19.97 -12.49
C GLY A 281 -1.27 -20.72 -13.81
N LYS A 282 -2.31 -21.50 -14.03
CA LYS A 282 -2.46 -22.20 -15.32
C LYS A 282 -2.13 -21.34 -16.57
N ASN A 283 -2.63 -20.11 -16.58
CA ASN A 283 -2.55 -19.21 -17.67
C ASN A 283 -1.63 -17.93 -17.47
N CYS A 284 -0.72 -18.06 -16.51
CA CYS A 284 0.28 -17.03 -16.26
C CYS A 284 1.61 -17.72 -16.40
N PRO A 285 2.49 -17.16 -17.23
CA PRO A 285 2.43 -15.90 -18.01
C PRO A 285 1.84 -15.90 -19.43
N ASP A 286 1.39 -17.06 -19.95
CA ASP A 286 0.92 -17.08 -21.34
C ASP A 286 -0.09 -16.03 -21.70
N LYS A 287 -1.15 -15.94 -20.88
CA LYS A 287 -2.28 -15.09 -21.18
C LYS A 287 -2.27 -13.87 -20.27
N PHE A 288 -2.24 -14.06 -18.95
CA PHE A 288 -2.44 -12.89 -18.08
C PHE A 288 -1.92 -13.31 -16.69
N CYS A 289 -1.24 -12.33 -16.03
CA CYS A 289 -0.73 -12.56 -14.63
C CYS A 289 -1.35 -11.44 -13.70
N LEU A 290 -2.20 -11.93 -12.81
CA LEU A 290 -2.99 -11.05 -11.92
C LEU A 290 -2.05 -10.28 -11.01
N PHE A 291 -0.89 -10.83 -10.68
CA PHE A 291 0.03 -10.24 -9.67
C PHE A 291 1.28 -9.68 -10.35
N LYS A 292 1.19 -9.25 -11.59
CA LYS A 292 2.24 -8.44 -12.25
C LYS A 292 1.67 -7.18 -12.83
N SER A 293 2.49 -6.10 -12.88
CA SER A 293 2.05 -4.85 -13.46
C SER A 293 3.29 -4.02 -13.81
N GLU A 294 4.31 -4.69 -14.26
CA GLU A 294 5.64 -3.97 -14.40
C GLU A 294 6.07 -3.05 -13.22
N THR A 295 6.03 -3.59 -12.02
CA THR A 295 6.45 -2.94 -10.79
C THR A 295 5.52 -1.86 -10.21
N LYS A 296 4.38 -1.69 -10.82
CA LYS A 296 3.59 -0.61 -10.45
C LYS A 296 2.54 -1.03 -9.45
N ASN A 297 2.53 -2.32 -9.04
CA ASN A 297 1.61 -2.68 -7.92
C ASN A 297 0.18 -2.30 -8.25
N LEU A 298 -0.31 -2.66 -9.43
CA LEU A 298 -1.63 -2.25 -9.80
C LEU A 298 -2.59 -3.42 -9.42
N LEU A 299 -3.61 -3.06 -8.60
CA LEU A 299 -4.68 -3.98 -8.07
C LEU A 299 -4.16 -4.78 -6.93
N PHE A 300 -3.00 -5.41 -7.08
CA PHE A 300 -2.31 -6.13 -6.03
C PHE A 300 -0.85 -5.75 -6.09
N ASN A 301 -0.14 -5.95 -5.00
CA ASN A 301 1.29 -5.78 -5.04
C ASN A 301 1.91 -6.87 -5.95
N ASP A 302 2.93 -6.45 -6.66
CA ASP A 302 3.63 -7.30 -7.58
C ASP A 302 4.38 -8.44 -6.90
N ASN A 303 4.64 -8.30 -5.62
CA ASN A 303 5.27 -9.36 -4.84
C ASN A 303 4.29 -10.40 -4.23
N THR A 304 3.02 -10.28 -4.57
CA THR A 304 2.04 -11.23 -4.10
C THR A 304 2.27 -12.60 -4.73
N GLU A 305 2.38 -13.62 -3.86
CA GLU A 305 2.48 -15.01 -4.33
C GLU A 305 1.12 -15.62 -4.48
N CYS A 306 0.19 -15.27 -3.54
CA CYS A 306 -1.21 -15.70 -3.66
C CYS A 306 -2.05 -14.76 -2.73
N LEU A 307 -3.35 -14.91 -2.91
CA LEU A 307 -4.28 -14.45 -1.87
C LEU A 307 -4.55 -15.63 -0.94
N ALA A 308 -4.45 -15.36 0.34
CA ALA A 308 -4.57 -16.47 1.32
C ALA A 308 -5.82 -16.36 2.13
N LYS A 309 -6.31 -17.53 2.57
CA LYS A 309 -7.45 -17.60 3.49
C LYS A 309 -7.13 -17.04 4.82
N LEU A 310 -8.11 -16.40 5.45
CA LEU A 310 -7.90 -15.80 6.74
C LEU A 310 -8.29 -16.86 7.80
N GLY A 311 -7.58 -16.85 8.87
CA GLY A 311 -7.92 -17.73 10.03
C GLY A 311 -8.94 -17.04 10.93
N GLY A 312 -10.01 -17.80 11.31
CA GLY A 312 -10.86 -17.25 12.40
C GLY A 312 -11.89 -16.23 11.92
N ARG A 313 -12.24 -16.30 10.60
CA ARG A 313 -13.24 -15.44 10.03
C ARG A 313 -13.13 -14.08 10.74
N PRO A 314 -12.04 -13.31 10.54
CA PRO A 314 -11.80 -12.22 11.40
C PRO A 314 -12.58 -10.99 11.03
N THR A 315 -12.97 -10.22 12.01
CA THR A 315 -13.51 -8.87 11.73
C THR A 315 -12.37 -7.93 11.26
N TYR A 316 -12.71 -6.72 10.84
CA TYR A 316 -11.62 -5.95 10.37
C TYR A 316 -10.73 -5.57 11.52
N GLU A 317 -11.23 -5.42 12.74
CA GLU A 317 -10.30 -5.10 13.85
C GLU A 317 -9.48 -6.27 14.22
N GLU A 318 -9.98 -7.49 14.15
CA GLU A 318 -9.11 -8.63 14.40
C GLU A 318 -8.05 -8.73 13.33
N TYR A 319 -8.35 -8.42 12.08
CA TYR A 319 -7.36 -8.57 10.99
C TYR A 319 -6.26 -7.50 11.18
N LEU A 320 -6.69 -6.28 11.47
CA LEU A 320 -5.69 -5.20 11.63
C LEU A 320 -4.89 -5.36 12.87
N GLY A 321 -5.52 -5.91 13.92
CA GLY A 321 -4.88 -6.01 15.24
C GLY A 321 -5.27 -4.86 16.08
N THR A 322 -5.57 -5.11 17.40
CA THR A 322 -6.06 -4.07 18.32
C THR A 322 -5.15 -2.81 18.47
N GLU A 323 -3.88 -3.09 18.52
CA GLU A 323 -2.84 -2.07 18.64
C GLU A 323 -2.81 -1.13 17.44
N TYR A 324 -2.78 -1.75 16.23
CA TYR A 324 -2.84 -0.88 15.05
C TYR A 324 -4.10 -0.08 14.98
N VAL A 325 -5.23 -0.67 15.30
CA VAL A 325 -6.48 0.05 15.32
C VAL A 325 -6.51 1.24 16.27
N THR A 326 -5.98 0.99 17.43
CA THR A 326 -5.94 2.02 18.44
C THR A 326 -5.03 3.14 17.98
N ALA A 327 -3.90 2.77 17.43
CA ALA A 327 -2.91 3.82 16.85
C ALA A 327 -3.62 4.68 15.76
N ILE A 328 -4.39 4.06 14.84
CA ILE A 328 -5.13 4.85 13.91
C ILE A 328 -6.14 5.80 14.54
N ALA A 329 -6.93 5.19 15.44
CA ALA A 329 -7.95 6.00 16.10
C ALA A 329 -7.32 7.22 16.83
N ASN A 330 -6.17 6.97 17.50
CA ASN A 330 -5.43 8.10 18.17
C ASN A 330 -5.03 9.19 17.14
N LEU A 331 -4.50 8.75 15.97
CA LEU A 331 -4.04 9.69 15.05
C LEU A 331 -5.23 10.47 14.45
N LYS A 332 -6.35 9.78 14.21
CA LYS A 332 -7.49 10.45 13.50
C LYS A 332 -8.17 11.44 14.49
N LYS A 333 -7.92 11.31 15.76
CA LYS A 333 -8.32 12.41 16.69
C LYS A 333 -7.74 13.78 16.34
N CYS A 334 -6.60 13.84 15.65
CA CYS A 334 -6.06 15.07 15.19
C CYS A 334 -6.81 15.75 14.08
N SER A 335 -7.72 15.04 13.42
CA SER A 335 -8.30 15.60 12.17
C SER A 335 -9.73 16.14 12.30
N LEU B 1 -13.35 4.95 18.27
CA LEU B 1 -14.66 4.50 18.73
C LEU B 1 -15.85 5.14 17.95
N GLU B 2 -15.62 5.52 16.69
CA GLU B 2 -16.65 6.26 15.92
C GLU B 2 -17.00 5.70 14.50
N ALA B 3 -18.02 6.30 13.87
CA ALA B 3 -18.78 5.77 12.71
C ALA B 3 -18.11 5.83 11.29
N CYS B 4 -18.87 5.44 10.29
CA CYS B 4 -18.40 5.46 8.90
C CYS B 4 -18.12 6.94 8.45
N ALA B 5 -17.03 7.14 7.73
CA ALA B 5 -16.62 8.46 7.20
C ALA B 5 -17.49 9.00 6.10
N PHE B 6 -18.30 8.15 5.53
CA PHE B 6 -19.14 8.51 4.42
C PHE B 6 -20.54 8.40 4.96
C1 NAG C . 0.46 7.03 20.08
C2 NAG C . 0.59 5.54 19.79
C3 NAG C . -0.61 4.67 20.25
C4 NAG C . -0.99 5.10 21.71
C5 NAG C . -1.09 6.64 21.91
C6 NAG C . -1.42 7.15 23.34
C7 NAG C . 1.68 4.86 17.76
C8 NAG C . 1.66 4.79 16.23
N2 NAG C . 0.67 5.50 18.34
O3 NAG C . -0.23 3.27 20.10
O4 NAG C . -2.21 4.50 22.16
O5 NAG C . 0.18 7.19 21.48
O6 NAG C . -0.48 6.55 24.25
O7 NAG C . 2.60 4.22 18.40
C1 NAG C . -2.02 3.38 23.07
C2 NAG C . -3.30 3.17 23.87
C3 NAG C . -3.04 2.04 24.89
C4 NAG C . -2.38 0.82 24.27
C5 NAG C . -1.14 1.16 23.44
C6 NAG C . -0.49 -0.06 22.78
C7 NAG C . -4.67 5.24 24.18
C8 NAG C . -4.89 6.53 24.92
N2 NAG C . -3.65 4.44 24.49
O3 NAG C . -4.25 1.58 25.46
O4 NAG C . -2.08 -0.16 25.27
O5 NAG C . -1.56 2.14 22.50
O6 NAG C . -1.35 -0.65 21.81
O7 NAG C . -5.49 4.99 23.34
C1 NAG D . 13.16 -7.12 2.96
C2 NAG D . 13.25 -8.50 3.66
C3 NAG D . 14.02 -9.38 2.68
C4 NAG D . 13.34 -9.57 1.37
C5 NAG D . 13.18 -8.16 0.72
C6 NAG D . 12.41 -8.19 -0.60
C7 NAG D . 13.19 -8.59 6.06
C8 NAG D . 13.96 -8.41 7.38
N2 NAG D . 13.92 -8.27 4.97
O3 NAG D . 13.93 -10.64 3.32
O4 NAG D . 14.26 -10.18 0.53
O5 NAG D . 12.51 -7.37 1.69
O6 NAG D . 11.12 -8.79 -0.36
O7 NAG D . 12.06 -9.05 6.11
C1 NAG D . 13.65 -11.27 -0.15
C2 NAG D . 14.56 -11.63 -1.30
C3 NAG D . 14.09 -12.99 -1.90
C4 NAG D . 14.06 -14.05 -0.81
C5 NAG D . 12.92 -13.46 0.03
C6 NAG D . 12.28 -14.43 0.99
C7 NAG D . 15.56 -9.88 -2.74
C8 NAG D . 15.24 -8.94 -3.88
N2 NAG D . 14.54 -10.62 -2.35
O3 NAG D . 14.96 -13.34 -2.91
O4 NAG D . 13.85 -15.36 -1.34
O5 NAG D . 13.47 -12.34 0.75
O6 NAG D . 13.37 -14.62 1.86
O7 NAG D . 16.70 -9.93 -2.24
C1 NAG E . -16.23 -18.55 -15.14
C2 NAG E . -15.06 -19.50 -15.23
C3 NAG E . -15.69 -20.90 -15.57
C4 NAG E . -16.67 -21.35 -14.49
C5 NAG E . -17.63 -20.21 -14.13
C6 NAG E . -18.43 -20.64 -12.88
C7 NAG E . -13.02 -18.32 -16.07
C8 NAG E . -12.24 -18.18 -17.34
N2 NAG E . -14.11 -19.11 -16.26
O3 NAG E . -14.66 -21.87 -15.64
O4 NAG E . -17.40 -22.54 -14.87
O5 NAG E . -16.86 -18.99 -13.97
O6 NAG E . -17.55 -20.79 -11.77
O7 NAG E . -12.70 -17.70 -15.00
FE FE F . 0.61 -0.76 2.85
ZN ZN G . -13.11 -13.31 15.66
ZN ZN H . 9.27 -4.69 15.70
C CO3 I . 1.36 1.66 2.82
O1 CO3 I . 0.69 1.15 1.88
O2 CO3 I . 1.64 0.87 3.76
O3 CO3 I . 1.77 2.80 2.86
S SO4 J . 25.89 5.83 7.65
O1 SO4 J . 26.87 6.29 8.68
O2 SO4 J . 26.40 4.66 6.91
O3 SO4 J . 24.66 5.46 8.41
O4 SO4 J . 25.78 7.12 6.84
C API K . 7.80 -2.69 15.80
CA API K . 7.05 -1.80 16.80
C3 API K . 5.57 -2.21 16.91
C4 API K . 4.55 -1.09 16.90
C5 API K . 3.34 -1.49 16.08
C6 API K . 2.16 -0.54 16.36
C7 API K . 1.05 -0.58 15.33
O API K . 8.90 -2.29 15.57
OXT API K . 7.42 -3.75 15.37
O3 API K . 0.25 0.38 15.38
O4 API K . 1.05 -1.49 14.48
N API K . 7.36 -0.43 16.35
N6 API K . 2.65 0.84 16.34
#